data_1CWU
#
_entry.id   1CWU
#
_cell.length_a   104.58
_cell.length_b   104.58
_cell.length_c   283.980
_cell.angle_alpha   90.00
_cell.angle_beta   90.00
_cell.angle_gamma   90.00
#
_symmetry.space_group_name_H-M   'I 41 2 2'
#
loop_
_entity.id
_entity.type
_entity.pdbx_description
1 polymer 'ENOYL ACP REDUCTASE'
2 non-polymer NICOTINAMIDE-ADENINE-DINUCLEOTIDE
3 non-polymer 6-METHYL-2(PROPANE-1-SULFONYL)-2H-THIENO[3,2-D][1,2,3]DIAZABORININ-1-OL
4 water water
#
_entity_poly.entity_id   1
_entity_poly.type   'polypeptide(L)'
_entity_poly.pdbx_seq_one_letter_code
;LPIDLRGKRAFIAGIADDNGYGWAVAKSLAAAGAEILVGTWVPALNIFETSLRRGKFDQSRVLPDGSLMEIKKVYPLDAV
FDNPEDVPEDVKANKRYAGSSNWTVQEAAECVRQDFGSIDILVHSLGNGPEVSKPLLETSRKGYLAAISASSYSFVSLLS
HFLPIMNPGGASISLTYIASERIIPGYGGGMSSAKAALESDTRVLAFEAGRKQNIRVNTISAGPLGSRAAKAIGFIDTMI
EYSYNNAPIQKTLTADEVGNAAAFLVSPLASAITGATIYVDNGLNSMGVALDSPVF
;
_entity_poly.pdbx_strand_id   A,B
#
loop_
_chem_comp.id
_chem_comp.type
_chem_comp.name
_chem_comp.formula
NAD non-polymer NICOTINAMIDE-ADENINE-DINUCLEOTIDE 'C21 H27 N7 O14 P2'
TDB non-polymer 6-METHYL-2(PROPANE-1-SULFONYL)-2H-THIENO[3,2-D][1,2,3]DIAZABORININ-1-OL 'C9 H13 B N2 O3 S2'
#
# COMPACT_ATOMS: atom_id res chain seq x y z
N LEU A 1 15.12 -3.47 -7.75
CA LEU A 1 14.23 -2.41 -7.57
C LEU A 1 14.22 -1.97 -6.10
N PRO A 2 15.09 -1.05 -5.73
CA PRO A 2 15.26 -0.67 -4.32
C PRO A 2 14.25 0.36 -3.85
N ILE A 3 14.00 0.46 -2.57
CA ILE A 3 13.24 1.58 -2.08
C ILE A 3 14.39 2.58 -1.74
N ASP A 4 14.63 3.55 -2.62
CA ASP A 4 15.77 4.45 -2.48
C ASP A 4 15.52 5.78 -1.89
N LEU A 5 16.01 5.94 -0.69
CA LEU A 5 15.91 7.22 -0.08
C LEU A 5 17.27 7.95 -0.01
N ARG A 6 18.31 7.35 -0.57
CA ARG A 6 19.72 7.93 -0.59
C ARG A 6 19.60 9.42 -0.86
N GLY A 7 20.34 10.25 -0.14
CA GLY A 7 20.25 11.69 -0.35
C GLY A 7 18.97 12.34 0.20
N LYS A 8 18.11 11.56 0.84
CA LYS A 8 16.87 12.10 1.41
C LYS A 8 17.02 12.28 2.92
N ARG A 9 16.22 13.16 3.51
CA ARG A 9 16.30 13.33 4.94
C ARG A 9 14.92 13.16 5.55
N ALA A 10 14.88 12.53 6.71
CA ALA A 10 13.62 12.28 7.37
C ALA A 10 13.59 12.78 8.79
N PHE A 11 12.44 13.35 9.15
CA PHE A 11 12.21 13.74 10.53
C PHE A 11 11.14 12.80 11.11
N ILE A 12 11.53 12.02 12.10
CA ILE A 12 10.61 11.08 12.73
C ILE A 12 10.14 11.51 14.12
N ALA A 13 8.92 12.01 14.19
CA ALA A 13 8.41 12.44 15.48
C ALA A 13 7.75 11.30 16.23
N GLY A 14 8.46 10.76 17.22
CA GLY A 14 7.83 9.72 18.00
C GLY A 14 8.63 8.50 18.43
N ILE A 15 9.93 8.63 18.64
CA ILE A 15 10.69 7.48 19.16
C ILE A 15 11.22 7.81 20.56
N ALA A 16 11.26 6.82 21.44
CA ALA A 16 11.80 7.04 22.78
C ALA A 16 12.43 5.76 23.28
N ASP A 17 12.33 4.74 22.44
CA ASP A 17 12.95 3.45 22.71
C ASP A 17 12.91 2.67 21.44
N ASP A 18 13.54 1.52 21.42
CA ASP A 18 13.58 0.71 20.19
C ASP A 18 12.35 -0.23 20.12
N ASN A 19 11.35 0.07 20.90
CA ASN A 19 10.21 -0.84 21.04
C ASN A 19 8.92 -0.61 20.23
N GLY A 20 8.80 0.52 19.56
CA GLY A 20 7.59 0.81 18.83
C GLY A 20 7.75 0.83 17.32
N TYR A 21 6.79 1.44 16.64
CA TYR A 21 6.82 1.51 15.21
C TYR A 21 7.78 2.54 14.66
N GLY A 22 7.90 3.65 15.38
CA GLY A 22 8.76 4.74 14.97
C GLY A 22 10.19 4.28 14.82
N TRP A 23 10.67 3.46 15.75
CA TRP A 23 12.01 2.97 15.63
C TRP A 23 12.02 2.21 14.34
N ALA A 24 11.03 1.32 14.18
CA ALA A 24 10.92 0.48 12.99
C ALA A 24 10.81 1.30 11.74
N VAL A 25 10.04 2.36 11.79
CA VAL A 25 9.96 3.19 10.62
C VAL A 25 11.34 3.77 10.32
N ALA A 26 12.07 4.10 11.39
CA ALA A 26 13.40 4.67 11.29
C ALA A 26 14.43 3.70 10.69
N LYS A 27 14.43 2.44 11.10
CA LYS A 27 15.39 1.50 10.47
C LYS A 27 15.09 1.40 9.00
N SER A 28 13.80 1.37 8.66
CA SER A 28 13.44 1.21 7.27
C SER A 28 13.92 2.38 6.47
N LEU A 29 13.59 3.58 6.91
CA LEU A 29 14.04 4.79 6.21
C LEU A 29 15.58 4.84 6.21
N ALA A 30 16.19 4.36 7.29
CA ALA A 30 17.64 4.32 7.34
C ALA A 30 18.09 3.33 6.30
N ALA A 31 17.56 2.12 6.38
CA ALA A 31 17.91 1.06 5.45
C ALA A 31 17.78 1.50 3.99
N ALA A 32 16.86 2.41 3.71
CA ALA A 32 16.65 2.93 2.34
C ALA A 32 17.59 4.05 1.96
N GLY A 33 18.44 4.44 2.90
CA GLY A 33 19.44 5.50 2.64
C GLY A 33 19.10 6.90 3.14
N ALA A 34 17.96 7.07 3.79
CA ALA A 34 17.59 8.38 4.30
C ALA A 34 18.40 8.78 5.55
N GLU A 35 18.53 10.08 5.77
CA GLU A 35 19.20 10.59 6.94
C GLU A 35 18.12 10.78 7.99
N ILE A 36 18.32 10.16 9.14
CA ILE A 36 17.38 10.23 10.24
C ILE A 36 17.55 11.38 11.24
N LEU A 37 16.47 12.13 11.45
CA LEU A 37 16.43 13.18 12.46
C LEU A 37 15.25 12.74 13.29
N VAL A 38 15.50 12.41 14.55
CA VAL A 38 14.45 11.95 15.42
C VAL A 38 13.77 13.02 16.27
N GLY A 39 12.46 12.91 16.45
CA GLY A 39 11.72 13.85 17.30
C GLY A 39 11.34 13.12 18.59
N THR A 40 12.00 13.45 19.69
CA THR A 40 11.71 12.80 20.95
C THR A 40 10.96 13.66 21.95
N TRP A 41 9.90 13.08 22.51
CA TRP A 41 9.06 13.74 23.49
C TRP A 41 9.94 14.07 24.70
N VAL A 42 10.12 15.36 24.94
CA VAL A 42 11.09 15.82 25.92
C VAL A 42 11.40 14.98 27.11
N PRO A 43 10.35 14.67 27.82
CA PRO A 43 10.53 13.92 29.04
C PRO A 43 11.45 12.67 29.03
N ALA A 44 11.37 11.96 27.90
CA ALA A 44 12.02 10.67 27.56
C ALA A 44 13.32 10.88 26.82
N LEU A 45 13.47 12.09 26.31
CA LEU A 45 14.65 12.45 25.53
C LEU A 45 15.99 12.13 26.18
N ASN A 46 16.11 12.51 27.45
CA ASN A 46 17.35 12.30 28.17
C ASN A 46 17.74 10.83 28.22
N ILE A 47 16.87 10.00 28.73
CA ILE A 47 17.15 8.58 28.83
C ILE A 47 17.34 7.90 27.45
N PHE A 48 16.52 8.31 26.51
CA PHE A 48 16.59 7.74 25.17
C PHE A 48 17.98 7.98 24.61
N GLU A 49 18.40 9.25 24.65
CA GLU A 49 19.71 9.64 24.14
C GLU A 49 20.83 8.85 24.85
N THR A 50 20.73 8.77 26.17
CA THR A 50 21.68 8.06 26.99
C THR A 50 21.78 6.60 26.60
N SER A 51 20.62 5.97 26.50
CA SER A 51 20.53 4.56 26.14
C SER A 51 21.10 4.38 24.74
N LEU A 52 20.66 5.25 23.84
CA LEU A 52 21.09 5.24 22.46
C LEU A 52 22.61 5.34 22.37
N ARG A 53 23.17 6.42 22.92
CA ARG A 53 24.64 6.66 22.93
C ARG A 53 25.46 5.58 23.53
N ARG A 54 25.00 5.03 24.66
CA ARG A 54 25.75 3.99 25.35
C ARG A 54 25.63 2.67 24.62
N GLY A 55 24.62 2.60 23.75
CA GLY A 55 24.37 1.37 22.99
C GLY A 55 23.28 0.39 23.45
N LYS A 56 22.26 0.87 24.14
CA LYS A 56 21.20 -0.05 24.56
C LYS A 56 20.45 -0.63 23.38
N PHE A 57 20.41 0.13 22.29
CA PHE A 57 19.66 -0.22 21.08
C PHE A 57 20.53 -0.72 19.94
N ASP A 58 21.77 -1.10 20.25
CA ASP A 58 22.66 -1.53 19.18
C ASP A 58 22.19 -2.68 18.29
N GLN A 59 21.71 -3.75 18.90
CA GLN A 59 21.17 -4.84 18.09
C GLN A 59 20.00 -4.27 17.32
N SER A 60 19.14 -3.53 18.01
CA SER A 60 17.98 -2.95 17.34
C SER A 60 18.40 -2.03 16.26
N ARG A 61 19.67 -1.70 16.23
CA ARG A 61 20.20 -0.81 15.20
C ARG A 61 20.69 -1.51 13.96
N VAL A 62 20.72 -2.84 14.01
CA VAL A 62 21.24 -3.58 12.88
C VAL A 62 20.32 -3.59 11.71
N LEU A 63 20.78 -2.96 10.63
CA LEU A 63 20.01 -2.88 9.40
C LEU A 63 20.08 -4.20 8.64
N PRO A 64 19.21 -4.33 7.64
CA PRO A 64 19.16 -5.54 6.82
C PRO A 64 20.53 -5.90 6.34
N ASP A 65 21.33 -4.88 5.99
CA ASP A 65 22.70 -5.10 5.49
C ASP A 65 23.74 -5.59 6.52
N GLY A 66 23.40 -5.51 7.81
CA GLY A 66 24.31 -5.92 8.87
C GLY A 66 24.95 -4.67 9.44
N SER A 67 24.75 -3.56 8.73
CA SER A 67 25.22 -2.26 9.18
C SER A 67 24.24 -1.74 10.21
N LEU A 68 24.70 -0.80 11.04
CA LEU A 68 23.89 -0.22 12.09
C LEU A 68 23.24 1.10 11.71
N MET A 69 22.00 1.28 12.14
CA MET A 69 21.28 2.52 11.84
C MET A 69 21.94 3.66 12.56
N GLU A 70 22.04 4.80 11.89
CA GLU A 70 22.57 6.00 12.54
C GLU A 70 21.48 7.05 12.69
N ILE A 71 21.36 7.64 13.88
CA ILE A 71 20.35 8.65 14.10
C ILE A 71 21.03 10.04 14.04
N LYS A 72 20.91 10.67 12.86
CA LYS A 72 21.58 11.95 12.60
C LYS A 72 21.60 12.88 13.75
N LYS A 73 20.43 13.19 14.27
CA LYS A 73 20.31 14.08 15.43
C LYS A 73 18.97 13.84 16.15
N VAL A 74 18.94 14.06 17.46
CA VAL A 74 17.71 13.91 18.23
C VAL A 74 17.23 15.29 18.70
N TYR A 75 16.01 15.69 18.36
CA TYR A 75 15.49 16.96 18.86
C TYR A 75 14.39 16.67 19.89
N PRO A 76 14.34 17.46 20.95
CA PRO A 76 13.32 17.25 21.96
C PRO A 76 12.08 17.88 21.38
N LEU A 77 10.90 17.38 21.75
CA LEU A 77 9.70 17.96 21.18
C LEU A 77 8.46 17.66 21.97
N ASP A 78 7.51 18.55 21.92
CA ASP A 78 6.23 18.23 22.51
C ASP A 78 5.17 18.74 21.56
N ALA A 79 4.56 17.81 20.85
CA ALA A 79 3.63 18.10 19.77
C ALA A 79 2.26 18.67 20.11
N VAL A 80 2.05 18.92 21.39
CA VAL A 80 0.81 19.52 21.85
C VAL A 80 1.03 21.03 21.84
N PHE A 81 2.29 21.43 21.81
CA PHE A 81 2.67 22.84 21.81
C PHE A 81 3.31 23.30 20.53
N ASP A 82 2.70 24.30 19.91
CA ASP A 82 3.13 24.80 18.62
C ASP A 82 4.17 25.87 18.67
N ASN A 83 4.00 26.81 19.59
CA ASN A 83 4.98 27.87 19.74
C ASN A 83 5.19 28.25 21.19
N PRO A 84 6.28 28.91 21.46
CA PRO A 84 6.63 29.33 22.81
C PRO A 84 5.51 30.11 23.51
N GLU A 85 4.89 31.07 22.84
CA GLU A 85 3.82 31.75 23.54
C GLU A 85 2.68 30.81 23.98
N ASP A 86 2.75 29.54 23.59
CA ASP A 86 1.69 28.55 23.88
C ASP A 86 1.90 27.74 25.14
N VAL A 87 3.14 27.58 25.58
CA VAL A 87 3.39 26.77 26.77
C VAL A 87 2.99 27.48 28.06
N PRO A 88 2.39 26.73 28.97
CA PRO A 88 1.97 27.26 30.27
C PRO A 88 3.16 27.29 31.27
N GLU A 89 3.25 28.34 32.10
CA GLU A 89 4.33 28.48 33.11
C GLU A 89 4.53 27.18 33.91
N ASP A 90 3.40 26.56 34.24
CA ASP A 90 3.42 25.25 34.87
C ASP A 90 4.16 24.24 33.97
N VAL A 91 3.83 24.21 32.67
CA VAL A 91 4.46 23.27 31.73
C VAL A 91 5.94 23.57 31.64
N LYS A 92 6.27 24.84 31.50
CA LYS A 92 7.67 25.25 31.39
C LYS A 92 8.43 24.88 32.65
N ALA A 93 7.86 25.20 33.80
CA ALA A 93 8.47 24.88 35.08
C ALA A 93 8.62 23.35 35.24
N ASN A 94 7.57 22.63 34.80
CA ASN A 94 7.48 21.15 34.77
C ASN A 94 8.86 20.65 34.36
N LYS A 95 9.47 19.92 35.27
CA LYS A 95 10.88 19.58 35.19
C LYS A 95 11.69 19.29 33.95
N ARG A 96 11.43 18.15 33.32
CA ARG A 96 12.14 17.69 32.15
C ARG A 96 12.31 18.86 31.15
N TYR A 97 11.22 19.58 31.00
CA TYR A 97 11.17 20.71 30.13
C TYR A 97 12.30 21.66 30.41
N ALA A 98 12.63 21.90 31.69
CA ALA A 98 13.73 22.80 31.97
C ALA A 98 15.01 22.42 31.17
N GLY A 99 15.32 21.13 31.23
CA GLY A 99 16.47 20.60 30.53
C GLY A 99 16.75 20.70 29.03
N SER A 100 15.75 20.98 28.17
CA SER A 100 16.00 21.06 26.72
C SER A 100 15.13 22.22 26.38
N SER A 101 15.26 22.86 25.24
CA SER A 101 14.43 24.00 24.97
C SER A 101 14.19 23.99 23.48
N ASN A 102 13.41 24.93 22.98
CA ASN A 102 13.13 24.96 21.55
C ASN A 102 12.36 23.69 21.20
N TRP A 103 11.55 23.21 22.13
CA TRP A 103 10.83 21.98 21.92
C TRP A 103 9.37 22.02 21.41
N THR A 104 8.82 23.22 21.26
CA THR A 104 7.51 23.36 20.66
C THR A 104 7.74 22.96 19.20
N VAL A 105 6.66 22.63 18.48
CA VAL A 105 6.75 22.20 17.07
C VAL A 105 7.40 23.24 16.20
N GLN A 106 6.99 24.49 16.37
CA GLN A 106 7.54 25.58 15.56
C GLN A 106 9.04 25.75 15.78
N GLU A 107 9.45 25.67 17.05
CA GLU A 107 10.85 25.80 17.39
C GLU A 107 11.60 24.63 16.80
N ALA A 108 11.08 23.43 17.03
CA ALA A 108 11.71 22.22 16.52
C ALA A 108 11.97 22.37 15.05
N ALA A 109 10.94 22.71 14.32
CA ALA A 109 11.09 22.82 12.88
C ALA A 109 12.18 23.81 12.56
N GLU A 110 12.25 24.89 13.34
CA GLU A 110 13.27 25.92 13.10
C GLU A 110 14.67 25.37 13.30
N CYS A 111 14.89 24.65 14.39
CA CYS A 111 16.21 24.09 14.64
C CYS A 111 16.60 23.24 13.46
N VAL A 112 15.65 22.46 12.98
CA VAL A 112 15.88 21.58 11.84
C VAL A 112 16.23 22.37 10.58
N ARG A 113 15.46 23.41 10.33
CA ARG A 113 15.72 24.26 9.19
C ARG A 113 17.17 24.72 9.28
N GLN A 114 17.49 25.38 10.38
CA GLN A 114 18.84 25.89 10.60
C GLN A 114 19.86 24.76 10.49
N ASP A 115 19.55 23.63 11.12
CA ASP A 115 20.44 22.47 11.13
C ASP A 115 20.75 21.80 9.79
N PHE A 116 19.70 21.48 9.02
CA PHE A 116 19.90 20.82 7.76
C PHE A 116 19.20 21.44 6.60
N GLY A 117 18.44 22.49 6.88
CA GLY A 117 17.78 23.26 5.81
C GLY A 117 16.55 22.69 5.12
N SER A 118 16.33 21.39 5.21
CA SER A 118 15.18 20.80 4.56
C SER A 118 15.09 19.33 4.88
N ILE A 119 13.92 18.79 4.63
CA ILE A 119 13.72 17.39 4.80
C ILE A 119 12.87 17.01 3.65
N ASP A 120 12.81 15.70 3.44
CA ASP A 120 12.04 15.14 2.38
C ASP A 120 10.87 14.41 3.00
N ILE A 121 11.17 13.48 3.91
CA ILE A 121 10.17 12.70 4.63
C ILE A 121 9.83 13.24 6.02
N LEU A 122 8.55 13.15 6.36
CA LEU A 122 8.05 13.52 7.66
C LEU A 122 7.22 12.32 8.15
N VAL A 123 7.54 11.85 9.36
CA VAL A 123 6.91 10.67 9.92
C VAL A 123 6.32 10.99 11.27
N HIS A 124 5.01 10.86 11.38
CA HIS A 124 4.31 11.06 12.62
C HIS A 124 4.19 9.68 13.19
N SER A 125 4.47 9.56 14.47
CA SER A 125 4.45 8.27 15.11
C SER A 125 4.24 8.46 16.58
N LEU A 126 3.23 9.27 16.91
CA LEU A 126 2.95 9.58 18.30
C LEU A 126 1.47 9.80 18.58
N GLY A 127 1.16 10.07 19.83
CA GLY A 127 -0.19 10.35 20.29
C GLY A 127 -0.23 10.21 21.81
N ASN A 128 -1.39 10.43 22.39
CA ASN A 128 -1.53 10.29 23.83
C ASN A 128 -3.01 10.46 24.15
N GLY A 129 -3.46 9.70 25.13
CA GLY A 129 -4.84 9.78 25.57
C GLY A 129 -4.89 9.60 27.09
N PRO A 130 -4.95 10.72 27.80
CA PRO A 130 -4.95 10.69 29.25
C PRO A 130 -6.04 9.78 29.86
N GLU A 131 -7.23 9.75 29.22
CA GLU A 131 -8.37 8.90 29.62
C GLU A 131 -8.62 7.70 28.68
N VAL A 132 -7.57 7.25 28.01
CA VAL A 132 -7.77 6.16 27.09
C VAL A 132 -8.49 5.00 27.78
N SER A 133 -8.28 4.84 29.05
CA SER A 133 -8.89 3.75 29.78
C SER A 133 -10.37 3.89 30.03
N LYS A 134 -10.92 5.03 29.64
CA LYS A 134 -12.34 5.26 29.83
C LYS A 134 -13.15 5.15 28.54
N PRO A 135 -14.38 4.69 28.68
CA PRO A 135 -15.31 4.60 27.57
C PRO A 135 -15.62 6.00 27.13
N LEU A 136 -16.05 6.16 25.90
CA LEU A 136 -16.42 7.48 25.49
C LEU A 136 -17.41 8.08 26.50
N LEU A 137 -18.35 7.25 26.99
CA LEU A 137 -19.37 7.70 27.95
C LEU A 137 -18.76 8.27 29.22
N GLU A 138 -17.73 7.64 29.74
CA GLU A 138 -17.04 8.11 30.94
C GLU A 138 -15.83 9.04 30.70
N THR A 139 -15.72 9.57 29.48
CA THR A 139 -14.60 10.41 29.05
C THR A 139 -14.94 11.91 29.08
N SER A 140 -14.14 12.68 29.82
CA SER A 140 -14.34 14.13 29.95
C SER A 140 -13.97 14.91 28.73
N ARG A 141 -14.57 16.08 28.59
CA ARG A 141 -14.27 16.95 27.47
C ARG A 141 -12.75 17.17 27.35
N LYS A 142 -12.12 17.52 28.48
CA LYS A 142 -10.69 17.78 28.50
C LYS A 142 -9.90 16.56 28.00
N GLY A 143 -10.14 15.42 28.61
CA GLY A 143 -9.45 14.21 28.21
C GLY A 143 -9.63 14.00 26.69
N TYR A 144 -10.86 14.11 26.22
CA TYR A 144 -11.17 13.89 24.82
C TYR A 144 -10.36 14.86 23.97
N LEU A 145 -10.41 16.12 24.37
CA LEU A 145 -9.71 17.15 23.66
C LEU A 145 -8.20 16.94 23.70
N ALA A 146 -7.70 16.50 24.85
CA ALA A 146 -6.28 16.22 24.99
C ALA A 146 -5.82 15.19 23.96
N ALA A 147 -6.58 14.09 23.89
CA ALA A 147 -6.29 12.99 22.95
C ALA A 147 -6.26 13.49 21.52
N ILE A 148 -7.24 14.31 21.18
CA ILE A 148 -7.35 14.80 19.82
C ILE A 148 -6.18 15.70 19.47
N SER A 149 -5.77 16.49 20.44
CA SER A 149 -4.66 17.44 20.32
C SER A 149 -3.33 16.73 20.19
N ALA A 150 -3.09 15.79 21.07
CA ALA A 150 -1.85 15.06 21.10
C ALA A 150 -1.73 14.05 19.96
N SER A 151 -2.83 13.40 19.67
CA SER A 151 -2.80 12.35 18.70
C SER A 151 -3.25 12.74 17.34
N SER A 152 -3.87 13.90 17.23
CA SER A 152 -4.42 14.28 15.97
C SER A 152 -3.95 15.64 15.47
N TYR A 153 -4.22 16.72 16.19
CA TYR A 153 -3.78 17.98 15.68
C TYR A 153 -2.25 18.01 15.67
N SER A 154 -1.64 17.18 16.50
CA SER A 154 -0.21 17.08 16.51
C SER A 154 0.32 16.84 15.09
N PHE A 155 -0.40 16.06 14.27
CA PHE A 155 0.08 15.86 12.89
C PHE A 155 -0.08 17.10 12.06
N VAL A 156 -1.20 17.79 12.24
CA VAL A 156 -1.45 19.01 11.49
C VAL A 156 -0.40 20.10 11.75
N SER A 157 0.01 20.22 13.00
CA SER A 157 1.02 21.20 13.37
C SER A 157 2.37 20.85 12.73
N LEU A 158 2.81 19.63 12.97
CA LEU A 158 4.07 19.20 12.43
C LEU A 158 4.13 19.38 10.92
N LEU A 159 3.15 18.84 10.21
CA LEU A 159 3.15 18.96 8.76
C LEU A 159 3.19 20.43 8.35
N SER A 160 2.24 21.17 8.86
CA SER A 160 2.11 22.60 8.60
C SER A 160 3.41 23.35 8.82
N HIS A 161 4.04 23.07 9.97
CA HIS A 161 5.29 23.70 10.33
C HIS A 161 6.47 23.21 9.47
N PHE A 162 6.53 21.92 9.19
CA PHE A 162 7.63 21.40 8.38
C PHE A 162 7.45 21.62 6.87
N LEU A 163 6.22 21.62 6.38
CA LEU A 163 5.98 21.75 4.93
C LEU A 163 6.90 22.72 4.20
N PRO A 164 7.07 23.92 4.74
CA PRO A 164 7.92 24.94 4.10
C PRO A 164 9.40 24.55 3.87
N ILE A 165 9.86 23.52 4.57
CA ILE A 165 11.23 23.03 4.42
C ILE A 165 11.25 21.62 3.82
N MET A 166 10.10 21.16 3.32
CA MET A 166 10.00 19.84 2.70
C MET A 166 10.25 19.98 1.22
N ASN A 167 11.19 19.21 0.71
CA ASN A 167 11.47 19.29 -0.71
C ASN A 167 10.35 18.67 -1.51
N PRO A 168 9.86 19.37 -2.53
CA PRO A 168 8.84 18.84 -3.44
C PRO A 168 9.17 17.39 -3.82
N GLY A 169 8.15 16.54 -3.87
CA GLY A 169 8.38 15.13 -4.12
C GLY A 169 8.59 14.43 -2.76
N GLY A 170 8.49 15.19 -1.67
CA GLY A 170 8.63 14.60 -0.36
C GLY A 170 7.28 14.05 0.07
N ALA A 171 7.24 13.41 1.23
CA ALA A 171 6.00 12.82 1.70
C ALA A 171 5.93 12.76 3.22
N SER A 172 4.78 12.35 3.74
CA SER A 172 4.61 12.19 5.16
C SER A 172 3.78 10.92 5.37
N ILE A 173 3.87 10.35 6.56
CA ILE A 173 3.15 9.15 6.88
C ILE A 173 2.87 9.24 8.36
N SER A 174 1.80 8.60 8.79
CA SER A 174 1.42 8.58 10.18
C SER A 174 0.90 7.19 10.46
N LEU A 175 0.71 6.87 11.73
CA LEU A 175 0.23 5.56 12.11
C LEU A 175 -1.15 5.71 12.73
N THR A 176 -2.15 5.10 12.12
CA THR A 176 -3.49 5.17 12.66
C THR A 176 -3.93 3.80 13.21
N TYR A 177 -5.20 3.63 13.52
CA TYR A 177 -5.67 2.36 14.06
C TYR A 177 -7.15 2.16 13.71
N ILE A 178 -7.56 0.89 13.58
CA ILE A 178 -8.92 0.58 13.13
C ILE A 178 -10.06 1.20 13.95
N ALA A 179 -9.82 1.41 15.24
CA ALA A 179 -10.81 2.01 16.15
C ALA A 179 -11.45 3.27 15.60
N SER A 180 -10.76 3.96 14.70
CA SER A 180 -11.34 5.13 14.10
C SER A 180 -12.53 4.68 13.28
N GLU A 181 -12.37 3.57 12.57
CA GLU A 181 -13.41 3.08 11.71
C GLU A 181 -14.37 2.01 12.20
N ARG A 182 -14.01 1.30 13.24
CA ARG A 182 -14.87 0.25 13.75
C ARG A 182 -14.81 0.28 15.23
N ILE A 183 -15.75 -0.40 15.87
CA ILE A 183 -15.82 -0.39 17.31
C ILE A 183 -14.82 -1.36 17.86
N ILE A 184 -13.87 -0.84 18.64
CA ILE A 184 -12.85 -1.65 19.29
C ILE A 184 -12.97 -1.41 20.77
N PRO A 185 -13.61 -2.33 21.47
CA PRO A 185 -13.77 -2.08 22.88
C PRO A 185 -12.37 -1.89 23.49
N GLY A 186 -12.29 -1.09 24.55
CA GLY A 186 -11.04 -0.84 25.26
C GLY A 186 -10.14 0.35 24.83
N TYR A 187 -10.33 0.86 23.64
CA TYR A 187 -9.51 1.94 23.16
C TYR A 187 -10.34 3.18 23.36
N GLY A 188 -10.40 3.68 24.58
CA GLY A 188 -11.23 4.85 24.84
C GLY A 188 -10.60 6.22 24.84
N GLY A 189 -11.13 7.01 25.77
CA GLY A 189 -10.69 8.37 26.00
C GLY A 189 -10.69 9.30 24.82
N GLY A 190 -11.30 8.90 23.71
CA GLY A 190 -11.35 9.77 22.52
C GLY A 190 -10.20 9.45 21.55
N MET A 191 -9.48 8.36 21.86
CA MET A 191 -8.38 7.91 21.00
C MET A 191 -8.97 7.42 19.70
N SER A 192 -10.13 6.80 19.80
CA SER A 192 -10.88 6.36 18.66
C SER A 192 -11.20 7.60 17.87
N SER A 193 -11.83 8.55 18.52
CA SER A 193 -12.21 9.76 17.82
C SER A 193 -11.00 10.38 17.15
N ALA A 194 -9.85 10.30 17.82
CA ALA A 194 -8.60 10.90 17.31
C ALA A 194 -8.07 10.32 16.00
N LYS A 195 -8.07 8.99 15.88
CA LYS A 195 -7.58 8.36 14.64
C LYS A 195 -8.50 8.73 13.51
N ALA A 196 -9.78 8.75 13.81
CA ALA A 196 -10.76 9.10 12.81
C ALA A 196 -10.35 10.40 12.17
N ALA A 197 -10.08 11.41 13.01
CA ALA A 197 -9.68 12.73 12.51
C ALA A 197 -8.31 12.74 11.86
N LEU A 198 -7.39 11.93 12.40
CA LEU A 198 -6.04 11.83 11.86
C LEU A 198 -6.18 11.34 10.41
N GLU A 199 -6.98 10.28 10.25
CA GLU A 199 -7.25 9.68 8.94
C GLU A 199 -7.99 10.71 8.06
N SER A 200 -9.01 11.33 8.59
CA SER A 200 -9.67 12.32 7.79
C SER A 200 -8.69 13.39 7.35
N ASP A 201 -7.86 13.87 8.29
CA ASP A 201 -6.90 14.94 7.96
C ASP A 201 -5.93 14.55 6.86
N THR A 202 -5.58 13.26 6.84
CA THR A 202 -4.69 12.70 5.82
C THR A 202 -5.24 12.98 4.43
N ARG A 203 -6.52 12.74 4.24
CA ARG A 203 -7.14 12.99 2.95
C ARG A 203 -7.11 14.48 2.69
N VAL A 204 -7.57 15.28 3.66
CA VAL A 204 -7.56 16.73 3.49
C VAL A 204 -6.18 17.31 3.26
N LEU A 205 -5.24 17.03 4.17
CA LEU A 205 -3.86 17.50 4.01
C LEU A 205 -3.26 17.02 2.71
N ALA A 206 -3.62 15.81 2.29
CA ALA A 206 -3.15 15.26 1.00
C ALA A 206 -3.54 16.24 -0.14
N PHE A 207 -4.77 16.69 -0.11
CA PHE A 207 -5.22 17.64 -1.10
C PHE A 207 -4.43 18.96 -1.01
N GLU A 208 -4.38 19.51 0.21
CA GLU A 208 -3.72 20.78 0.46
C GLU A 208 -2.22 20.77 0.17
N ALA A 209 -1.49 19.93 0.85
CA ALA A 209 -0.07 19.85 0.59
C ALA A 209 0.23 19.33 -0.82
N GLY A 210 -0.67 18.51 -1.37
CA GLY A 210 -0.43 17.94 -2.68
C GLY A 210 -0.47 19.05 -3.67
N ARG A 211 -1.52 19.85 -3.57
CA ARG A 211 -1.67 20.95 -4.48
C ARG A 211 -0.66 22.07 -4.16
N LYS A 212 -0.44 22.32 -2.89
CA LYS A 212 0.49 23.37 -2.51
C LYS A 212 1.93 23.11 -2.87
N GLN A 213 2.43 21.92 -2.63
CA GLN A 213 3.85 21.69 -2.77
C GLN A 213 4.23 20.32 -3.24
N ASN A 214 3.28 19.69 -3.91
CA ASN A 214 3.43 18.36 -4.47
C ASN A 214 4.02 17.42 -3.41
N ILE A 215 3.45 17.50 -2.23
CA ILE A 215 3.87 16.62 -1.16
C ILE A 215 2.76 15.59 -0.97
N ARG A 216 3.11 14.32 -0.78
CA ARG A 216 2.13 13.26 -0.52
C ARG A 216 1.88 13.05 0.97
N VAL A 217 0.68 12.61 1.28
CA VAL A 217 0.24 12.39 2.65
C VAL A 217 -0.59 11.12 2.76
N ASN A 218 -0.18 10.24 3.67
CA ASN A 218 -0.84 8.96 3.85
C ASN A 218 -0.73 8.62 5.27
N THR A 219 -1.24 7.45 5.60
CA THR A 219 -1.24 6.94 6.97
C THR A 219 -1.39 5.45 6.89
N ILE A 220 -0.82 4.77 7.85
CA ILE A 220 -0.87 3.34 7.92
C ILE A 220 -1.72 2.96 9.15
N SER A 221 -2.77 2.19 8.92
CA SER A 221 -3.62 1.70 10.01
C SER A 221 -2.96 0.40 10.38
N ALA A 222 -2.20 0.42 11.47
CA ALA A 222 -1.42 -0.70 11.90
C ALA A 222 -2.13 -1.72 12.79
N GLY A 223 -1.64 -2.94 12.77
CA GLY A 223 -2.14 -4.01 13.64
C GLY A 223 -1.52 -3.81 15.02
N PRO A 224 -1.91 -4.65 15.96
CA PRO A 224 -1.43 -4.47 17.30
C PRO A 224 0.03 -4.83 17.42
N LEU A 225 0.75 -4.06 18.23
CA LEU A 225 2.17 -4.25 18.50
C LEU A 225 2.40 -3.86 19.95
N GLY A 226 3.06 -4.75 20.67
CA GLY A 226 3.33 -4.51 22.06
C GLY A 226 4.39 -3.44 22.28
N SER A 227 4.14 -2.23 21.81
CA SER A 227 5.06 -1.10 21.99
C SER A 227 4.94 -0.70 23.45
N ARG A 228 5.58 0.38 23.84
CA ARG A 228 5.45 0.77 25.23
C ARG A 228 4.06 1.31 25.50
N ALA A 229 3.61 2.21 24.63
CA ALA A 229 2.31 2.84 24.80
C ALA A 229 1.20 1.81 24.77
N ALA A 230 1.33 0.84 23.86
CA ALA A 230 0.33 -0.18 23.72
C ALA A 230 0.15 -0.91 25.03
N LYS A 231 1.27 -1.35 25.59
CA LYS A 231 1.26 -2.11 26.84
C LYS A 231 0.68 -1.25 27.95
N ALA A 232 0.75 0.05 27.75
CA ALA A 232 0.22 0.99 28.72
C ALA A 232 -1.28 0.95 28.63
N ILE A 233 -1.83 0.91 27.41
CA ILE A 233 -3.28 0.86 27.23
C ILE A 233 -3.76 -0.40 27.92
N GLY A 234 -2.94 -1.44 27.84
CA GLY A 234 -3.20 -2.68 28.56
C GLY A 234 -3.99 -3.76 27.86
N PHE A 235 -4.44 -3.50 26.65
CA PHE A 235 -5.26 -4.49 25.97
C PHE A 235 -4.54 -5.12 24.80
N ILE A 236 -3.36 -4.60 24.50
CA ILE A 236 -2.64 -5.03 23.31
C ILE A 236 -2.31 -6.51 23.19
N ASP A 237 -1.93 -7.14 24.30
CA ASP A 237 -1.60 -8.55 24.31
C ASP A 237 -2.78 -9.40 23.83
N THR A 238 -3.98 -9.08 24.32
CA THR A 238 -5.14 -9.84 23.90
C THR A 238 -5.37 -9.51 22.45
N MET A 239 -5.17 -8.25 22.10
CA MET A 239 -5.36 -7.83 20.73
C MET A 239 -4.40 -8.57 19.77
N ILE A 240 -3.20 -8.85 20.26
CA ILE A 240 -2.22 -9.54 19.45
C ILE A 240 -2.67 -10.99 19.24
N GLU A 241 -3.20 -11.59 20.29
CA GLU A 241 -3.70 -12.93 20.21
C GLU A 241 -5.02 -12.95 19.40
N TYR A 242 -5.75 -11.84 19.40
CA TYR A 242 -6.99 -11.81 18.66
C TYR A 242 -6.62 -11.83 17.21
N SER A 243 -5.70 -10.94 16.84
CA SER A 243 -5.28 -10.82 15.47
C SER A 243 -4.65 -12.09 15.00
N TYR A 244 -3.98 -12.80 15.89
CA TYR A 244 -3.38 -14.04 15.48
C TYR A 244 -4.42 -15.12 15.11
N ASN A 245 -5.44 -15.26 15.94
CA ASN A 245 -6.47 -16.25 15.68
C ASN A 245 -7.33 -15.98 14.43
N ASN A 246 -7.74 -14.72 14.31
CA ASN A 246 -8.74 -14.30 13.35
C ASN A 246 -8.39 -13.66 12.03
N ALA A 247 -7.12 -13.43 11.76
CA ALA A 247 -6.77 -12.77 10.50
C ALA A 247 -6.78 -13.73 9.35
N PRO A 248 -6.98 -13.17 8.17
CA PRO A 248 -7.06 -13.95 6.93
C PRO A 248 -5.80 -14.82 6.84
N ILE A 249 -4.65 -14.21 7.06
CA ILE A 249 -3.43 -14.99 7.15
C ILE A 249 -3.02 -15.04 8.59
N GLN A 250 -2.73 -16.23 9.08
CA GLN A 250 -2.36 -16.36 10.44
C GLN A 250 -0.84 -16.24 10.62
N LYS A 251 -0.41 -15.23 11.35
CA LYS A 251 1.02 -15.01 11.59
C LYS A 251 1.25 -13.91 12.62
N THR A 252 2.51 -13.62 12.92
CA THR A 252 2.78 -12.53 13.82
C THR A 252 2.82 -11.27 13.02
N LEU A 253 2.62 -10.17 13.70
CA LEU A 253 2.77 -8.86 13.10
C LEU A 253 4.09 -8.34 13.69
N THR A 254 4.94 -7.69 12.90
CA THR A 254 6.20 -7.19 13.41
C THR A 254 6.43 -5.76 12.97
N ALA A 255 6.96 -4.97 13.89
CA ALA A 255 7.20 -3.52 13.74
C ALA A 255 7.76 -3.27 12.39
N ASP A 256 8.65 -4.18 12.07
CA ASP A 256 9.38 -4.38 10.85
C ASP A 256 8.43 -4.25 9.60
N GLU A 257 7.33 -4.98 9.65
CA GLU A 257 6.32 -5.04 8.61
C GLU A 257 5.63 -3.70 8.40
N VAL A 258 5.47 -2.93 9.46
CA VAL A 258 4.85 -1.61 9.33
C VAL A 258 5.93 -0.66 8.80
N GLY A 259 7.16 -0.88 9.25
CA GLY A 259 8.29 -0.03 8.84
C GLY A 259 8.54 0.02 7.33
N ASN A 260 8.66 -1.16 6.73
CA ASN A 260 8.85 -1.29 5.29
C ASN A 260 7.71 -0.69 4.48
N ALA A 261 6.48 -0.90 4.97
CA ALA A 261 5.32 -0.32 4.33
C ALA A 261 5.47 1.19 4.33
N ALA A 262 5.91 1.73 5.47
CA ALA A 262 6.10 3.18 5.56
C ALA A 262 7.22 3.64 4.68
N ALA A 263 8.31 2.88 4.67
CA ALA A 263 9.45 3.26 3.81
C ALA A 263 8.96 3.30 2.34
N PHE A 264 8.21 2.28 1.92
CA PHE A 264 7.67 2.25 0.56
C PHE A 264 6.85 3.51 0.30
N LEU A 265 5.83 3.71 1.12
CA LEU A 265 4.91 4.85 0.99
C LEU A 265 5.60 6.21 1.01
N VAL A 266 6.77 6.30 1.63
CA VAL A 266 7.44 7.60 1.61
C VAL A 266 8.46 7.67 0.49
N SER A 267 8.56 6.62 -0.33
CA SER A 267 9.54 6.57 -1.43
C SER A 267 8.93 6.92 -2.75
N PRO A 268 9.78 7.14 -3.74
CA PRO A 268 9.29 7.50 -5.08
C PRO A 268 8.50 6.39 -5.80
N LEU A 269 8.67 5.16 -5.37
CA LEU A 269 7.90 4.07 -5.93
C LEU A 269 6.40 4.35 -5.70
N ALA A 270 6.10 5.06 -4.61
CA ALA A 270 4.72 5.36 -4.21
C ALA A 270 4.19 6.67 -4.71
N SER A 271 4.74 7.12 -5.82
CA SER A 271 4.38 8.42 -6.40
C SER A 271 2.94 8.71 -6.79
N ALA A 272 2.12 7.67 -6.90
CA ALA A 272 0.71 7.88 -7.27
C ALA A 272 -0.23 7.52 -6.13
N ILE A 273 0.36 7.26 -4.94
CA ILE A 273 -0.39 6.93 -3.74
C ILE A 273 -0.42 8.09 -2.72
N THR A 274 -1.56 8.73 -2.56
CA THR A 274 -1.69 9.84 -1.63
C THR A 274 -3.11 9.84 -1.11
N GLY A 275 -3.30 10.27 0.13
CA GLY A 275 -4.62 10.35 0.74
C GLY A 275 -5.04 8.96 1.23
N ALA A 276 -4.09 8.04 1.21
CA ALA A 276 -4.37 6.66 1.61
C ALA A 276 -4.36 6.31 3.06
N THR A 277 -5.12 5.26 3.38
CA THR A 277 -5.16 4.67 4.71
C THR A 277 -4.87 3.20 4.38
N ILE A 278 -3.61 2.78 4.58
CA ILE A 278 -3.17 1.44 4.22
C ILE A 278 -3.21 0.60 5.46
N TYR A 279 -3.76 -0.60 5.35
CA TYR A 279 -3.85 -1.50 6.50
C TYR A 279 -2.77 -2.54 6.53
N VAL A 280 -1.81 -2.37 7.41
CA VAL A 280 -0.71 -3.30 7.59
C VAL A 280 -1.07 -4.04 8.86
N ASP A 281 -2.01 -4.98 8.72
CA ASP A 281 -2.55 -5.72 9.88
C ASP A 281 -2.80 -7.18 9.63
N ASN A 282 -2.17 -7.74 8.60
CA ASN A 282 -2.36 -9.13 8.32
C ASN A 282 -3.80 -9.39 7.80
N GLY A 283 -4.45 -8.33 7.33
CA GLY A 283 -5.78 -8.40 6.71
C GLY A 283 -6.95 -8.38 7.66
N LEU A 284 -6.62 -8.36 8.94
CA LEU A 284 -7.60 -8.39 10.00
C LEU A 284 -8.85 -7.57 9.67
N ASN A 285 -8.65 -6.30 9.40
CA ASN A 285 -9.80 -5.47 9.09
C ASN A 285 -10.81 -6.00 8.06
N SER A 286 -10.39 -6.87 7.15
CA SER A 286 -11.28 -7.36 6.08
C SER A 286 -12.22 -8.49 6.52
N MET A 287 -12.04 -8.97 7.75
CA MET A 287 -12.86 -10.06 8.24
C MET A 287 -14.20 -9.57 8.68
N GLY A 288 -15.22 -10.40 8.38
CA GLY A 288 -16.62 -10.13 8.73
C GLY A 288 -16.98 -10.80 10.05
N VAL A 289 -16.19 -11.76 10.48
CA VAL A 289 -16.41 -12.42 11.76
C VAL A 289 -15.08 -12.91 12.30
N ALA A 290 -15.07 -13.23 13.57
CA ALA A 290 -13.90 -13.78 14.23
C ALA A 290 -14.03 -15.30 14.17
N LEU A 291 -12.97 -15.97 13.75
CA LEU A 291 -12.98 -17.42 13.68
C LEU A 291 -13.09 -18.02 15.08
N ASP A 292 -12.46 -17.39 16.06
CA ASP A 292 -12.48 -17.92 17.41
C ASP A 292 -13.80 -17.88 18.20
N SER A 293 -14.86 -17.26 17.69
CA SER A 293 -16.12 -17.26 18.44
C SER A 293 -16.58 -18.66 18.89
N PRO A 294 -16.92 -18.80 20.16
CA PRO A 294 -17.35 -20.08 20.67
C PRO A 294 -18.51 -20.69 19.87
N VAL A 295 -19.21 -19.87 19.07
CA VAL A 295 -20.34 -20.36 18.31
C VAL A 295 -19.90 -21.22 17.15
N PHE A 296 -18.65 -21.08 16.78
CA PHE A 296 -18.08 -21.85 15.68
C PHE A 296 -17.29 -23.07 16.14
N LEU B 1 17.21 -0.06 0.73
CA LEU B 1 16.18 -1.04 1.09
C LEU B 1 15.52 -1.55 -0.20
N PRO B 2 15.93 -2.75 -0.59
CA PRO B 2 15.48 -3.32 -1.83
C PRO B 2 14.13 -4.03 -1.78
N ILE B 3 13.39 -4.05 -2.88
CA ILE B 3 12.20 -4.89 -2.97
C ILE B 3 12.82 -6.14 -3.60
N ASP B 4 13.18 -7.11 -2.79
CA ASP B 4 13.94 -8.26 -3.26
C ASP B 4 13.19 -9.52 -3.76
N LEU B 5 13.18 -9.74 -5.07
CA LEU B 5 12.52 -10.95 -5.62
C LEU B 5 13.42 -12.04 -6.22
N ARG B 6 14.72 -11.89 -6.01
CA ARG B 6 15.69 -12.85 -6.50
C ARG B 6 15.33 -14.24 -6.08
N GLY B 7 15.41 -15.19 -7.00
CA GLY B 7 15.10 -16.56 -6.65
C GLY B 7 13.59 -16.78 -6.59
N LYS B 8 12.84 -15.75 -6.96
CA LYS B 8 11.40 -15.83 -6.95
C LYS B 8 10.91 -15.95 -8.39
N ARG B 9 9.90 -16.77 -8.59
CA ARG B 9 9.33 -16.90 -9.90
C ARG B 9 7.94 -16.28 -9.88
N ALA B 10 7.62 -15.58 -10.95
CA ALA B 10 6.33 -14.94 -11.06
C ALA B 10 5.68 -15.32 -12.37
N PHE B 11 4.37 -15.56 -12.31
CA PHE B 11 3.57 -15.87 -13.49
C PHE B 11 2.59 -14.74 -13.68
N ILE B 12 2.77 -14.00 -14.75
CA ILE B 12 1.94 -12.86 -15.02
C ILE B 12 0.96 -13.15 -16.14
N ALA B 13 -0.27 -13.49 -15.79
CA ALA B 13 -1.30 -13.73 -16.78
C ALA B 13 -1.79 -12.36 -17.14
N GLY B 14 -1.61 -11.94 -18.38
CA GLY B 14 -2.09 -10.61 -18.71
C GLY B 14 -1.29 -9.67 -19.61
N ILE B 15 -0.23 -10.14 -20.27
CA ILE B 15 0.49 -9.25 -21.20
C ILE B 15 0.17 -9.58 -22.65
N ALA B 16 0.15 -8.57 -23.49
CA ALA B 16 -0.10 -8.83 -24.88
C ALA B 16 0.66 -7.75 -25.62
N ASP B 17 1.26 -6.89 -24.84
CA ASP B 17 2.07 -5.83 -25.39
C ASP B 17 2.69 -5.02 -24.28
N ASP B 18 3.45 -4.03 -24.66
CA ASP B 18 4.16 -3.19 -23.72
C ASP B 18 3.41 -1.89 -23.44
N ASN B 19 2.14 -1.81 -23.81
CA ASN B 19 1.40 -0.56 -23.59
C ASN B 19 0.55 -0.49 -22.35
N GLY B 20 0.36 -1.62 -21.66
CA GLY B 20 -0.49 -1.68 -20.48
C GLY B 20 0.20 -1.98 -19.16
N TYR B 21 -0.59 -2.07 -18.10
CA TYR B 21 -0.09 -2.31 -16.77
C TYR B 21 0.67 -3.59 -16.57
N GLY B 22 0.23 -4.65 -17.21
CA GLY B 22 0.85 -5.95 -17.00
C GLY B 22 2.33 -5.96 -17.31
N TRP B 23 2.69 -5.22 -18.36
CA TRP B 23 4.07 -5.12 -18.81
C TRP B 23 4.85 -4.48 -17.69
N ALA B 24 4.32 -3.36 -17.21
CA ALA B 24 4.93 -2.59 -16.13
C ALA B 24 5.20 -3.46 -14.92
N VAL B 25 4.21 -4.25 -14.53
CA VAL B 25 4.43 -5.13 -13.41
C VAL B 25 5.55 -6.13 -13.70
N ALA B 26 5.57 -6.66 -14.91
CA ALA B 26 6.58 -7.65 -15.23
C ALA B 26 7.90 -6.94 -14.97
N LYS B 27 8.02 -5.76 -15.55
CA LYS B 27 9.22 -4.97 -15.40
C LYS B 27 9.68 -4.79 -13.98
N SER B 28 8.82 -4.19 -13.18
CA SER B 28 9.15 -3.99 -11.79
C SER B 28 9.56 -5.29 -11.14
N LEU B 29 8.86 -6.36 -11.46
CA LEU B 29 9.18 -7.66 -10.88
C LEU B 29 10.48 -8.19 -11.42
N ALA B 30 10.72 -7.87 -12.68
CA ALA B 30 11.94 -8.27 -13.36
C ALA B 30 13.01 -7.55 -12.59
N ALA B 31 12.81 -6.23 -12.46
CA ALA B 31 13.73 -5.36 -11.73
C ALA B 31 13.92 -5.92 -10.33
N ALA B 32 12.83 -6.24 -9.65
CA ALA B 32 12.91 -6.83 -8.32
C ALA B 32 13.74 -8.14 -8.31
N GLY B 33 14.13 -8.60 -9.51
CA GLY B 33 14.93 -9.82 -9.66
C GLY B 33 14.16 -11.15 -9.74
N ALA B 34 12.87 -11.07 -10.03
CA ALA B 34 12.08 -12.28 -10.14
C ALA B 34 12.14 -12.82 -11.57
N GLU B 35 12.02 -14.14 -11.73
CA GLU B 35 12.02 -14.77 -13.07
C GLU B 35 10.63 -14.63 -13.69
N ILE B 36 10.58 -14.09 -14.91
CA ILE B 36 9.30 -13.80 -15.56
C ILE B 36 8.57 -14.82 -16.50
N LEU B 37 7.53 -15.47 -16.00
CA LEU B 37 6.69 -16.32 -16.84
C LEU B 37 5.52 -15.45 -17.23
N VAL B 38 5.05 -15.59 -18.46
CA VAL B 38 3.94 -14.80 -18.94
C VAL B 38 2.85 -15.66 -19.56
N GLY B 39 1.61 -15.19 -19.50
CA GLY B 39 0.50 -15.92 -20.06
C GLY B 39 -0.22 -14.96 -20.97
N THR B 40 0.06 -15.04 -22.27
CA THR B 40 -0.62 -14.17 -23.22
C THR B 40 -1.91 -14.82 -23.68
N TRP B 41 -2.89 -14.00 -23.93
CA TRP B 41 -4.15 -14.50 -24.38
C TRP B 41 -3.90 -15.02 -25.79
N VAL B 42 -4.20 -16.30 -25.99
CA VAL B 42 -3.91 -16.97 -27.25
C VAL B 42 -3.96 -16.16 -28.53
N PRO B 43 -5.00 -15.35 -28.71
CA PRO B 43 -5.15 -14.56 -29.94
C PRO B 43 -3.93 -13.66 -30.21
N ALA B 44 -3.59 -12.92 -29.17
CA ALA B 44 -2.51 -11.93 -29.11
C ALA B 44 -1.16 -12.59 -28.96
N LEU B 45 -1.17 -13.85 -28.54
CA LEU B 45 0.05 -14.61 -28.30
C LEU B 45 1.08 -14.57 -29.40
N ASN B 46 0.69 -14.98 -30.59
CA ASN B 46 1.62 -15.04 -31.71
C ASN B 46 2.29 -13.70 -31.97
N ILE B 47 1.46 -12.67 -32.10
CA ILE B 47 1.96 -11.32 -32.38
C ILE B 47 2.87 -10.84 -31.26
N PHE B 48 2.47 -11.09 -30.03
CA PHE B 48 3.26 -10.68 -28.87
C PHE B 48 4.66 -11.28 -28.96
N GLU B 49 4.71 -12.60 -29.09
CA GLU B 49 5.98 -13.30 -29.22
C GLU B 49 6.79 -12.72 -30.39
N THR B 50 6.13 -12.63 -31.52
CA THR B 50 6.71 -12.11 -32.74
C THR B 50 7.26 -10.72 -32.52
N SER B 51 6.45 -9.88 -31.90
CA SER B 51 6.85 -8.50 -31.63
C SER B 51 8.06 -8.45 -30.71
N LEU B 52 8.09 -9.41 -29.78
CA LEU B 52 9.13 -9.62 -28.77
C LEU B 52 10.20 -10.56 -29.30
N ARG B 53 10.38 -10.57 -30.61
CA ARG B 53 11.42 -11.38 -31.21
C ARG B 53 12.19 -10.36 -32.02
N ARG B 54 11.45 -9.59 -32.81
CA ARG B 54 12.01 -8.55 -33.64
C ARG B 54 12.55 -7.37 -32.82
N GLY B 55 12.45 -7.47 -31.49
CA GLY B 55 12.92 -6.39 -30.61
C GLY B 55 12.02 -5.14 -30.70
N LYS B 56 10.71 -5.35 -30.80
CA LYS B 56 9.73 -4.27 -30.92
C LYS B 56 9.57 -3.48 -29.61
N PHE B 57 9.97 -4.10 -28.50
CA PHE B 57 9.82 -3.53 -27.16
C PHE B 57 11.20 -3.60 -26.53
N ASP B 58 12.22 -3.29 -27.32
CA ASP B 58 13.55 -3.47 -26.80
C ASP B 58 13.81 -2.36 -25.85
N GLN B 59 13.39 -1.16 -26.25
CA GLN B 59 13.58 0.01 -25.43
C GLN B 59 12.74 -0.21 -24.19
N SER B 60 11.62 -0.89 -24.38
CA SER B 60 10.67 -1.15 -23.32
C SER B 60 11.04 -2.23 -22.33
N ARG B 61 12.15 -2.93 -22.59
CA ARG B 61 12.62 -3.97 -21.68
C ARG B 61 13.77 -3.50 -20.77
N VAL B 62 14.20 -2.26 -20.98
CA VAL B 62 15.30 -1.72 -20.19
C VAL B 62 14.88 -1.50 -18.77
N LEU B 63 15.65 -2.01 -17.83
CA LEU B 63 15.29 -1.81 -16.45
C LEU B 63 15.95 -0.58 -15.92
N PRO B 64 15.59 -0.26 -14.69
CA PRO B 64 16.11 0.88 -13.98
C PRO B 64 17.64 0.88 -13.98
N ASP B 65 18.22 -0.30 -13.83
CA ASP B 65 19.66 -0.46 -13.86
C ASP B 65 20.14 -0.67 -15.31
N GLY B 66 19.54 0.04 -16.25
CA GLY B 66 19.92 -0.09 -17.67
C GLY B 66 19.96 -1.55 -18.09
N SER B 67 19.58 -2.42 -17.17
CA SER B 67 19.51 -3.85 -17.41
C SER B 67 18.31 -4.08 -18.32
N LEU B 68 18.26 -5.22 -18.98
CA LEU B 68 17.12 -5.51 -19.84
C LEU B 68 16.22 -6.56 -19.26
N MET B 69 14.92 -6.43 -19.46
CA MET B 69 14.03 -7.45 -18.97
C MET B 69 14.32 -8.69 -19.76
N GLU B 70 13.90 -9.82 -19.20
CA GLU B 70 14.08 -11.09 -19.84
C GLU B 70 12.94 -12.02 -19.44
N ILE B 71 11.95 -12.09 -20.32
CA ILE B 71 10.77 -12.92 -20.18
C ILE B 71 11.14 -14.39 -20.44
N LYS B 72 11.28 -15.15 -19.36
CA LYS B 72 11.66 -16.56 -19.43
C LYS B 72 10.88 -17.33 -20.43
N LYS B 73 9.56 -17.34 -20.28
CA LYS B 73 8.72 -18.11 -21.17
C LYS B 73 7.32 -17.60 -21.26
N VAL B 74 6.79 -17.58 -22.48
CA VAL B 74 5.42 -17.15 -22.69
C VAL B 74 4.53 -18.35 -22.87
N TYR B 75 3.39 -18.29 -22.19
CA TYR B 75 2.42 -19.35 -22.25
C TYR B 75 1.20 -18.84 -22.95
N PRO B 76 0.62 -19.68 -23.79
CA PRO B 76 -0.60 -19.31 -24.47
C PRO B 76 -1.66 -19.45 -23.40
N LEU B 77 -2.61 -18.53 -23.35
CA LEU B 77 -3.63 -18.63 -22.30
C LEU B 77 -4.98 -17.98 -22.52
N ASP B 78 -6.03 -18.69 -22.11
CA ASP B 78 -7.37 -18.13 -22.12
C ASP B 78 -8.05 -18.39 -20.78
N ALA B 79 -8.17 -17.31 -20.02
CA ALA B 79 -8.71 -17.40 -18.68
C ALA B 79 -10.23 -17.67 -18.55
N VAL B 80 -10.98 -17.58 -19.65
CA VAL B 80 -12.38 -17.94 -19.55
C VAL B 80 -12.49 -19.46 -19.44
N PHE B 81 -11.47 -20.18 -19.94
CA PHE B 81 -11.48 -21.66 -19.93
C PHE B 81 -10.50 -22.28 -18.94
N ASP B 82 -11.03 -23.10 -18.05
CA ASP B 82 -10.25 -23.68 -16.95
C ASP B 82 -9.65 -25.03 -17.24
N ASN B 83 -10.23 -25.74 -18.19
CA ASN B 83 -9.74 -27.04 -18.57
C ASN B 83 -10.20 -27.33 -19.98
N PRO B 84 -9.54 -28.29 -20.62
CA PRO B 84 -9.85 -28.64 -21.99
C PRO B 84 -11.31 -29.10 -22.08
N GLU B 85 -11.67 -30.01 -21.18
CA GLU B 85 -13.03 -30.54 -21.13
C GLU B 85 -14.12 -29.45 -21.25
N ASP B 86 -13.74 -28.19 -21.08
CA ASP B 86 -14.71 -27.10 -21.12
C ASP B 86 -14.80 -26.34 -22.42
N VAL B 87 -13.89 -26.58 -23.33
CA VAL B 87 -13.88 -25.81 -24.58
C VAL B 87 -15.03 -26.07 -25.57
N PRO B 88 -15.46 -25.02 -26.24
CA PRO B 88 -16.50 -25.15 -27.23
C PRO B 88 -15.80 -25.56 -28.51
N GLU B 89 -16.22 -26.69 -29.07
CA GLU B 89 -15.59 -27.19 -30.28
C GLU B 89 -15.53 -26.03 -31.28
N ASP B 90 -16.41 -25.05 -31.07
CA ASP B 90 -16.46 -23.85 -31.90
C ASP B 90 -15.14 -23.10 -31.78
N VAL B 91 -14.74 -22.83 -30.54
CA VAL B 91 -13.50 -22.11 -30.27
C VAL B 91 -12.32 -22.95 -30.74
N LYS B 92 -12.35 -24.22 -30.38
CA LYS B 92 -11.29 -25.17 -30.71
C LYS B 92 -11.02 -25.10 -32.20
N ALA B 93 -12.10 -25.07 -32.96
CA ALA B 93 -12.00 -24.96 -34.40
C ALA B 93 -11.30 -23.66 -34.79
N ASN B 94 -11.35 -22.62 -33.93
CA ASN B 94 -10.69 -21.34 -34.24
C ASN B 94 -9.19 -21.43 -34.48
N LYS B 95 -8.76 -20.90 -35.63
CA LYS B 95 -7.37 -20.96 -36.05
C LYS B 95 -6.30 -20.69 -34.96
N ARG B 96 -6.36 -19.49 -34.35
CA ARG B 96 -5.42 -19.05 -33.28
C ARG B 96 -5.37 -20.14 -32.20
N TYR B 97 -6.57 -20.41 -31.69
CA TYR B 97 -6.85 -21.45 -30.74
C TYR B 97 -6.44 -22.82 -31.27
N ALA B 98 -6.43 -23.04 -32.61
CA ALA B 98 -5.93 -24.32 -33.14
C ALA B 98 -4.36 -24.24 -33.06
N GLY B 99 -3.86 -23.10 -33.53
CA GLY B 99 -2.43 -22.78 -33.62
C GLY B 99 -1.70 -22.85 -32.30
N SER B 100 -2.44 -22.94 -31.21
CA SER B 100 -1.85 -23.07 -29.89
C SER B 100 -2.55 -24.19 -29.17
N SER B 101 -1.99 -24.61 -28.04
CA SER B 101 -2.61 -25.67 -27.24
C SER B 101 -2.22 -25.55 -25.77
N ASN B 102 -2.86 -26.34 -24.91
CA ASN B 102 -2.54 -26.30 -23.50
C ASN B 102 -2.89 -24.92 -22.92
N TRP B 103 -3.75 -24.19 -23.60
CA TRP B 103 -4.10 -22.86 -23.14
C TRP B 103 -5.16 -22.68 -22.03
N THR B 104 -5.85 -23.74 -21.61
CA THR B 104 -6.82 -23.64 -20.54
C THR B 104 -6.00 -23.39 -19.27
N VAL B 105 -6.62 -22.75 -18.29
CA VAL B 105 -5.88 -22.42 -17.08
C VAL B 105 -5.37 -23.63 -16.37
N GLN B 106 -6.15 -24.71 -16.40
CA GLN B 106 -5.68 -25.93 -15.76
C GLN B 106 -4.49 -26.44 -16.59
N GLU B 107 -4.61 -26.35 -17.91
CA GLU B 107 -3.52 -26.80 -18.77
C GLU B 107 -2.30 -25.91 -18.61
N ALA B 108 -2.53 -24.59 -18.59
CA ALA B 108 -1.44 -23.61 -18.47
C ALA B 108 -0.61 -23.82 -17.22
N ALA B 109 -1.27 -24.02 -16.10
CA ALA B 109 -0.58 -24.23 -14.84
C ALA B 109 0.22 -25.56 -14.76
N GLU B 110 -0.26 -26.60 -15.41
CA GLU B 110 0.46 -27.86 -15.37
C GLU B 110 1.80 -27.72 -16.06
N CYS B 111 1.82 -26.95 -17.16
CA CYS B 111 3.05 -26.74 -17.91
C CYS B 111 4.07 -26.01 -17.06
N VAL B 112 3.64 -24.92 -16.45
CA VAL B 112 4.51 -24.17 -15.56
C VAL B 112 5.09 -25.15 -14.52
N ARG B 113 4.22 -25.97 -13.96
CA ARG B 113 4.63 -26.96 -13.00
C ARG B 113 5.76 -27.81 -13.55
N GLN B 114 5.51 -28.43 -14.70
CA GLN B 114 6.50 -29.30 -15.31
C GLN B 114 7.75 -28.50 -15.64
N ASP B 115 7.55 -27.44 -16.41
CA ASP B 115 8.63 -26.55 -16.84
C ASP B 115 9.42 -25.96 -15.66
N PHE B 116 8.71 -25.55 -14.62
CA PHE B 116 9.33 -24.90 -13.50
C PHE B 116 8.96 -25.37 -12.12
N GLY B 117 8.21 -26.45 -12.01
CA GLY B 117 7.90 -27.00 -10.70
C GLY B 117 7.30 -26.02 -9.69
N SER B 118 7.47 -24.72 -9.91
CA SER B 118 6.86 -23.75 -8.98
C SER B 118 6.88 -22.29 -9.32
N ILE B 119 6.19 -21.53 -8.47
CA ILE B 119 6.12 -20.08 -8.54
C ILE B 119 5.95 -19.51 -7.16
N ASP B 120 6.05 -18.20 -7.09
CA ASP B 120 5.96 -17.51 -5.83
C ASP B 120 4.98 -16.35 -5.97
N ILE B 121 4.79 -15.90 -7.20
CA ILE B 121 3.98 -14.73 -7.46
C ILE B 121 3.04 -14.87 -8.64
N LEU B 122 1.78 -14.51 -8.44
CA LEU B 122 0.77 -14.54 -9.50
C LEU B 122 0.22 -13.14 -9.77
N VAL B 123 0.34 -12.70 -11.00
CA VAL B 123 -0.18 -11.40 -11.38
C VAL B 123 -1.33 -11.62 -12.40
N HIS B 124 -2.49 -11.02 -12.12
CA HIS B 124 -3.68 -11.09 -12.98
C HIS B 124 -3.83 -9.65 -13.52
N SER B 125 -3.85 -9.51 -14.84
CA SER B 125 -3.87 -8.19 -15.43
C SER B 125 -4.65 -8.25 -16.71
N LEU B 126 -5.81 -8.87 -16.61
CA LEU B 126 -6.64 -9.06 -17.75
C LEU B 126 -8.09 -8.91 -17.34
N GLY B 127 -8.96 -9.10 -18.30
CA GLY B 127 -10.38 -9.01 -18.11
C GLY B 127 -10.90 -8.69 -19.49
N ASN B 128 -12.20 -8.90 -19.70
CA ASN B 128 -12.83 -8.57 -20.96
C ASN B 128 -14.29 -8.31 -20.71
N GLY B 129 -14.86 -7.41 -21.49
CA GLY B 129 -16.26 -7.07 -21.38
C GLY B 129 -16.80 -6.79 -22.76
N PRO B 130 -17.56 -7.75 -23.28
CA PRO B 130 -18.16 -7.64 -24.62
C PRO B 130 -19.11 -6.47 -24.69
N GLU B 131 -19.67 -6.10 -23.54
CA GLU B 131 -20.64 -5.03 -23.47
C GLU B 131 -20.29 -3.72 -22.72
N VAL B 132 -19.01 -3.49 -22.46
CA VAL B 132 -18.57 -2.30 -21.73
C VAL B 132 -19.26 -1.00 -22.14
N SER B 133 -19.65 -0.90 -23.39
CA SER B 133 -20.28 0.31 -23.89
C SER B 133 -21.76 0.44 -23.49
N LYS B 134 -22.37 -0.65 -23.04
CA LYS B 134 -23.76 -0.60 -22.64
C LYS B 134 -23.98 -0.36 -21.17
N PRO B 135 -25.01 0.43 -20.87
CA PRO B 135 -25.39 0.71 -19.51
C PRO B 135 -25.94 -0.57 -18.93
N LEU B 136 -25.89 -0.71 -17.60
CA LEU B 136 -26.42 -1.92 -16.98
C LEU B 136 -27.84 -2.18 -17.49
N LEU B 137 -28.60 -1.10 -17.68
CA LEU B 137 -29.97 -1.19 -18.14
C LEU B 137 -30.08 -1.82 -19.54
N GLU B 138 -29.08 -1.57 -20.38
CA GLU B 138 -29.07 -2.11 -21.73
C GLU B 138 -28.21 -3.36 -21.83
N THR B 139 -27.67 -3.80 -20.70
CA THR B 139 -26.77 -4.94 -20.71
C THR B 139 -27.38 -6.33 -20.60
N SER B 140 -27.03 -7.18 -21.56
CA SER B 140 -27.50 -8.54 -21.62
C SER B 140 -26.93 -9.41 -20.51
N ARG B 141 -27.64 -10.48 -20.20
CA ARG B 141 -27.22 -11.41 -19.18
C ARG B 141 -26.03 -12.18 -19.71
N LYS B 142 -25.96 -12.30 -21.03
CA LYS B 142 -24.88 -13.04 -21.61
C LYS B 142 -23.65 -12.23 -21.43
N GLY B 143 -23.74 -10.95 -21.78
CA GLY B 143 -22.62 -10.00 -21.66
C GLY B 143 -22.14 -9.79 -20.21
N TYR B 144 -23.08 -9.55 -19.30
CA TYR B 144 -22.80 -9.36 -17.89
C TYR B 144 -21.97 -10.51 -17.42
N LEU B 145 -22.46 -11.72 -17.67
CA LEU B 145 -21.77 -12.95 -17.25
C LEU B 145 -20.43 -13.14 -17.91
N ALA B 146 -20.36 -12.77 -19.19
CA ALA B 146 -19.08 -12.84 -19.91
C ALA B 146 -18.08 -11.92 -19.21
N ALA B 147 -18.52 -10.68 -18.96
CA ALA B 147 -17.72 -9.69 -18.24
C ALA B 147 -17.24 -10.21 -16.89
N ILE B 148 -18.13 -10.88 -16.18
CA ILE B 148 -17.79 -11.36 -14.84
C ILE B 148 -16.90 -12.58 -14.94
N SER B 149 -17.05 -13.32 -16.02
CA SER B 149 -16.31 -14.56 -16.23
C SER B 149 -14.85 -14.32 -16.61
N ALA B 150 -14.64 -13.39 -17.54
CA ALA B 150 -13.31 -13.06 -18.04
C ALA B 150 -12.59 -12.17 -17.04
N SER B 151 -13.35 -11.27 -16.43
CA SER B 151 -12.79 -10.33 -15.49
C SER B 151 -12.68 -10.71 -14.01
N SER B 152 -13.70 -11.39 -13.45
CA SER B 152 -13.64 -11.78 -12.03
C SER B 152 -13.24 -13.24 -11.82
N TYR B 153 -14.08 -14.17 -12.31
CA TYR B 153 -13.80 -15.58 -12.14
C TYR B 153 -12.41 -16.02 -12.64
N SER B 154 -11.92 -15.45 -13.73
CA SER B 154 -10.59 -15.82 -14.17
C SER B 154 -9.57 -15.69 -13.02
N PHE B 155 -9.72 -14.69 -12.17
CA PHE B 155 -8.75 -14.60 -11.09
C PHE B 155 -8.89 -15.79 -10.19
N VAL B 156 -10.14 -16.10 -9.88
CA VAL B 156 -10.38 -17.20 -9.00
C VAL B 156 -9.74 -18.44 -9.56
N SER B 157 -9.94 -18.67 -10.85
CA SER B 157 -9.43 -19.85 -11.52
C SER B 157 -7.92 -19.88 -11.51
N LEU B 158 -7.30 -18.79 -11.92
CA LEU B 158 -5.85 -18.75 -11.93
C LEU B 158 -5.30 -19.09 -10.57
N LEU B 159 -5.71 -18.30 -9.59
CA LEU B 159 -5.23 -18.53 -8.24
C LEU B 159 -5.47 -19.96 -7.81
N SER B 160 -6.70 -20.41 -7.95
CA SER B 160 -7.05 -21.74 -7.52
C SER B 160 -6.19 -22.76 -8.17
N HIS B 161 -5.88 -22.55 -9.43
CA HIS B 161 -5.07 -23.51 -10.11
C HIS B 161 -3.59 -23.52 -9.73
N PHE B 162 -3.00 -22.34 -9.87
CA PHE B 162 -1.60 -22.12 -9.58
C PHE B 162 -1.25 -22.28 -8.09
N LEU B 163 -2.20 -21.92 -7.24
CA LEU B 163 -2.00 -22.02 -5.79
C LEU B 163 -1.34 -23.28 -5.33
N PRO B 164 -1.56 -24.39 -6.04
CA PRO B 164 -0.96 -25.63 -5.58
C PRO B 164 0.57 -25.57 -5.70
N ILE B 165 1.06 -24.90 -6.74
CA ILE B 165 2.50 -24.75 -6.99
C ILE B 165 3.05 -23.40 -6.55
N MET B 166 2.34 -22.77 -5.63
CA MET B 166 2.81 -21.51 -5.11
C MET B 166 3.56 -21.83 -3.83
N ASN B 167 4.70 -21.19 -3.65
CA ASN B 167 5.53 -21.48 -2.51
C ASN B 167 5.02 -20.80 -1.28
N PRO B 168 4.67 -21.52 -0.21
CA PRO B 168 4.19 -20.76 0.91
C PRO B 168 5.08 -19.57 1.15
N GLY B 169 4.42 -18.43 1.31
CA GLY B 169 5.09 -17.16 1.51
C GLY B 169 4.98 -16.38 0.22
N GLY B 170 4.28 -16.95 -0.75
CA GLY B 170 4.08 -16.31 -2.04
C GLY B 170 2.93 -15.31 -1.94
N ALA B 171 2.56 -14.68 -3.05
CA ALA B 171 1.49 -13.71 -3.02
C ALA B 171 0.94 -13.42 -4.40
N SER B 172 -0.24 -12.82 -4.44
CA SER B 172 -0.89 -12.52 -5.70
C SER B 172 -1.31 -11.07 -5.75
N ILE B 173 -1.44 -10.56 -6.96
CA ILE B 173 -1.84 -9.19 -7.17
C ILE B 173 -2.76 -9.14 -8.40
N SER B 174 -3.69 -8.20 -8.40
CA SER B 174 -4.63 -8.00 -9.51
C SER B 174 -4.91 -6.52 -9.66
N LEU B 175 -5.54 -6.14 -10.76
CA LEU B 175 -5.83 -4.74 -10.98
C LEU B 175 -7.31 -4.52 -11.10
N THR B 176 -7.85 -3.70 -10.19
CA THR B 176 -9.28 -3.40 -10.16
C THR B 176 -9.51 -1.97 -10.55
N TYR B 177 -10.72 -1.47 -10.36
CA TYR B 177 -11.04 -0.08 -10.72
C TYR B 177 -12.19 0.49 -9.91
N ILE B 178 -12.12 1.79 -9.68
CA ILE B 178 -13.09 2.48 -8.84
C ILE B 178 -14.55 2.29 -9.17
N ALA B 179 -14.87 2.01 -10.43
CA ALA B 179 -16.27 1.84 -10.80
C ALA B 179 -16.91 0.75 -9.98
N SER B 180 -16.10 -0.08 -9.33
CA SER B 180 -16.64 -1.14 -8.49
C SER B 180 -17.33 -0.59 -7.24
N GLU B 181 -16.81 0.51 -6.70
CA GLU B 181 -17.36 1.11 -5.50
C GLU B 181 -18.07 2.44 -5.71
N ARG B 182 -17.89 3.04 -6.87
CA ARG B 182 -18.45 4.35 -7.10
C ARG B 182 -19.00 4.35 -8.50
N ILE B 183 -19.97 5.23 -8.74
CA ILE B 183 -20.63 5.33 -10.03
C ILE B 183 -19.75 5.99 -11.07
N ILE B 184 -19.40 5.25 -12.10
CA ILE B 184 -18.55 5.80 -13.17
C ILE B 184 -19.17 5.64 -14.53
N PRO B 185 -19.88 6.66 -14.97
CA PRO B 185 -20.49 6.64 -16.30
C PRO B 185 -19.50 6.17 -17.38
N GLY B 186 -19.98 5.35 -18.31
CA GLY B 186 -19.15 4.86 -19.42
C GLY B 186 -18.52 3.48 -19.17
N TYR B 187 -18.40 3.07 -17.92
CA TYR B 187 -17.78 1.80 -17.62
C TYR B 187 -18.88 0.76 -17.43
N GLY B 188 -19.47 0.28 -18.54
CA GLY B 188 -20.58 -0.66 -18.50
C GLY B 188 -20.38 -2.16 -18.79
N GLY B 189 -21.47 -2.78 -19.23
CA GLY B 189 -21.46 -4.18 -19.58
C GLY B 189 -21.31 -5.03 -18.38
N GLY B 190 -21.50 -4.45 -17.19
CA GLY B 190 -21.33 -5.21 -15.95
C GLY B 190 -19.85 -5.31 -15.53
N MET B 191 -18.99 -4.53 -16.19
CA MET B 191 -17.57 -4.52 -15.85
C MET B 191 -17.44 -4.03 -14.45
N SER B 192 -18.21 -3.01 -14.11
CA SER B 192 -18.23 -2.46 -12.75
C SER B 192 -18.59 -3.57 -11.79
N SER B 193 -19.58 -4.37 -12.17
CA SER B 193 -20.02 -5.50 -11.33
C SER B 193 -18.89 -6.48 -11.20
N ALA B 194 -18.15 -6.62 -12.29
CA ALA B 194 -17.01 -7.55 -12.36
C ALA B 194 -15.91 -7.14 -11.39
N LYS B 195 -15.59 -5.84 -11.36
CA LYS B 195 -14.58 -5.33 -10.44
C LYS B 195 -15.03 -5.55 -9.01
N ALA B 196 -16.28 -5.19 -8.72
CA ALA B 196 -16.79 -5.39 -7.39
C ALA B 196 -16.54 -6.83 -6.97
N ALA B 197 -16.84 -7.75 -7.87
CA ALA B 197 -16.64 -9.17 -7.55
C ALA B 197 -15.14 -9.50 -7.38
N LEU B 198 -14.30 -8.94 -8.26
CA LEU B 198 -12.87 -9.18 -8.20
C LEU B 198 -12.36 -8.63 -6.87
N GLU B 199 -12.89 -7.48 -6.46
CA GLU B 199 -12.43 -6.97 -5.18
C GLU B 199 -12.94 -7.81 -4.03
N SER B 200 -14.22 -8.14 -4.04
CA SER B 200 -14.72 -8.98 -2.97
C SER B 200 -13.94 -10.26 -2.82
N ASP B 201 -13.63 -10.91 -3.95
CA ASP B 201 -12.88 -12.18 -3.88
C ASP B 201 -11.45 -12.05 -3.40
N THR B 202 -10.86 -10.86 -3.53
CA THR B 202 -9.49 -10.70 -3.08
C THR B 202 -9.50 -10.98 -1.61
N ARG B 203 -10.45 -10.35 -0.93
CA ARG B 203 -10.57 -10.52 0.50
C ARG B 203 -10.81 -11.95 0.83
N VAL B 204 -11.82 -12.56 0.21
CA VAL B 204 -12.14 -13.93 0.55
C VAL B 204 -11.04 -14.92 0.26
N LEU B 205 -10.35 -14.70 -0.86
CA LEU B 205 -9.22 -15.56 -1.24
C LEU B 205 -8.00 -15.36 -0.33
N ALA B 206 -7.83 -14.14 0.18
CA ALA B 206 -6.77 -13.85 1.17
C ALA B 206 -7.04 -14.70 2.38
N PHE B 207 -8.29 -14.85 2.72
CA PHE B 207 -8.60 -15.71 3.81
C PHE B 207 -8.31 -17.15 3.37
N GLU B 208 -8.93 -17.58 2.29
CA GLU B 208 -8.74 -18.96 1.82
C GLU B 208 -7.31 -19.36 1.58
N ALA B 209 -6.63 -18.67 0.66
CA ALA B 209 -5.23 -19.00 0.37
C ALA B 209 -4.34 -18.64 1.54
N GLY B 210 -4.72 -17.60 2.27
CA GLY B 210 -3.95 -17.17 3.41
C GLY B 210 -3.87 -18.30 4.43
N ARG B 211 -4.99 -18.93 4.68
CA ARG B 211 -5.02 -19.94 5.69
C ARG B 211 -4.57 -21.29 5.20
N LYS B 212 -4.67 -21.48 3.89
CA LYS B 212 -4.31 -22.76 3.30
C LYS B 212 -2.85 -22.94 2.88
N GLN B 213 -2.21 -21.87 2.42
CA GLN B 213 -0.85 -21.95 1.88
C GLN B 213 -0.04 -20.71 2.26
N ASN B 214 -0.55 -19.94 3.19
CA ASN B 214 0.14 -18.72 3.61
C ASN B 214 0.52 -17.82 2.48
N ILE B 215 -0.38 -17.73 1.51
CA ILE B 215 -0.20 -16.89 0.35
C ILE B 215 -0.95 -15.58 0.60
N ARG B 216 -0.46 -14.46 0.11
CA ARG B 216 -1.18 -13.20 0.30
C ARG B 216 -1.91 -12.84 -0.97
N VAL B 217 -2.98 -12.07 -0.84
CA VAL B 217 -3.79 -11.71 -2.00
C VAL B 217 -4.23 -10.29 -1.86
N ASN B 218 -3.91 -9.48 -2.85
CA ASN B 218 -4.30 -8.09 -2.84
C ASN B 218 -4.68 -7.68 -4.23
N THR B 219 -5.26 -6.48 -4.35
CA THR B 219 -5.63 -5.92 -5.65
C THR B 219 -5.29 -4.45 -5.57
N ILE B 220 -4.95 -3.87 -6.70
CA ILE B 220 -4.63 -2.46 -6.78
C ILE B 220 -5.75 -1.79 -7.60
N SER B 221 -6.37 -0.76 -7.05
CA SER B 221 -7.41 -0.06 -7.77
C SER B 221 -6.68 1.03 -8.50
N ALA B 222 -6.38 0.79 -9.77
CA ALA B 222 -5.58 1.75 -10.52
C ALA B 222 -6.33 2.84 -11.20
N GLY B 223 -5.61 3.92 -11.44
CA GLY B 223 -6.14 5.09 -12.12
C GLY B 223 -6.07 4.82 -13.60
N PRO B 224 -6.48 5.79 -14.37
CA PRO B 224 -6.51 5.65 -15.80
C PRO B 224 -5.14 5.66 -16.46
N LEU B 225 -4.97 4.74 -17.39
CA LEU B 225 -3.76 4.58 -18.18
C LEU B 225 -4.25 4.21 -19.60
N GLY B 226 -3.91 5.04 -20.59
CA GLY B 226 -4.38 4.84 -21.98
C GLY B 226 -3.92 3.57 -22.71
N SER B 227 -3.95 2.45 -22.01
CA SER B 227 -3.58 1.15 -22.58
C SER B 227 -4.42 0.73 -23.80
N ARG B 228 -4.17 -0.48 -24.30
CA ARG B 228 -4.90 -0.97 -25.47
C ARG B 228 -6.37 -1.23 -25.17
N ALA B 229 -6.63 -1.86 -24.04
CA ALA B 229 -8.00 -2.14 -23.62
C ALA B 229 -8.71 -0.85 -23.19
N ALA B 230 -7.97 0.05 -22.54
CA ALA B 230 -8.59 1.28 -22.12
C ALA B 230 -8.92 2.00 -23.39
N LYS B 231 -8.07 1.78 -24.39
CA LYS B 231 -8.27 2.45 -25.67
C LYS B 231 -9.66 2.12 -26.19
N ALA B 232 -9.95 0.83 -26.19
CA ALA B 232 -11.25 0.33 -26.68
C ALA B 232 -12.44 0.93 -25.94
N ILE B 233 -12.37 0.94 -24.61
CA ILE B 233 -13.46 1.47 -23.81
C ILE B 233 -13.93 2.79 -24.38
N GLY B 234 -12.99 3.65 -24.75
CA GLY B 234 -13.32 4.92 -25.39
C GLY B 234 -13.78 6.03 -24.46
N PHE B 235 -13.16 6.09 -23.28
CA PHE B 235 -13.51 7.12 -22.32
C PHE B 235 -12.33 7.51 -21.38
N ILE B 236 -11.19 6.85 -21.54
CA ILE B 236 -10.02 7.04 -20.68
C ILE B 236 -9.36 8.40 -20.73
N ASP B 237 -9.21 8.88 -21.93
CA ASP B 237 -8.57 10.16 -22.14
C ASP B 237 -9.25 11.19 -21.29
N THR B 238 -10.58 11.17 -21.31
CA THR B 238 -11.41 12.09 -20.56
C THR B 238 -11.15 11.87 -19.08
N MET B 239 -11.12 10.60 -18.72
CA MET B 239 -10.88 10.16 -17.34
C MET B 239 -9.47 10.54 -16.94
N ILE B 240 -8.55 10.33 -17.86
CA ILE B 240 -7.18 10.67 -17.62
C ILE B 240 -7.07 12.17 -17.39
N GLU B 241 -7.63 12.93 -18.31
CA GLU B 241 -7.61 14.37 -18.17
C GLU B 241 -8.38 14.78 -16.90
N TYR B 242 -9.47 14.07 -16.63
CA TYR B 242 -10.31 14.32 -15.48
C TYR B 242 -9.54 14.14 -14.18
N SER B 243 -8.77 13.05 -14.12
CA SER B 243 -7.97 12.75 -12.97
C SER B 243 -6.87 13.82 -12.82
N TYR B 244 -6.35 14.32 -13.93
CA TYR B 244 -5.34 15.34 -13.82
C TYR B 244 -5.92 16.51 -13.09
N ASN B 245 -7.05 16.99 -13.59
CA ASN B 245 -7.75 18.12 -13.00
C ASN B 245 -8.20 18.01 -11.55
N ASN B 246 -8.72 16.86 -11.16
CA ASN B 246 -9.34 16.73 -9.86
C ASN B 246 -8.72 15.91 -8.72
N ALA B 247 -7.51 15.38 -8.91
CA ALA B 247 -6.88 14.61 -7.85
C ALA B 247 -6.20 15.54 -6.84
N PRO B 248 -5.81 14.99 -5.69
CA PRO B 248 -5.16 15.76 -4.64
C PRO B 248 -3.86 16.30 -5.18
N ILE B 249 -3.03 15.43 -5.75
CA ILE B 249 -1.83 15.88 -6.48
C ILE B 249 -2.20 15.94 -7.99
N GLN B 250 -1.91 17.06 -8.63
CA GLN B 250 -2.23 17.19 -10.05
C GLN B 250 -1.04 16.75 -10.84
N LYS B 251 -1.05 15.50 -11.26
CA LYS B 251 0.03 14.99 -12.06
C LYS B 251 -0.48 13.87 -12.93
N THR B 252 0.44 13.28 -13.66
CA THR B 252 0.15 12.15 -14.53
C THR B 252 0.16 10.86 -13.74
N LEU B 253 -0.23 9.79 -14.41
CA LEU B 253 -0.17 8.44 -13.84
C LEU B 253 0.52 7.59 -14.89
N THR B 254 1.49 6.80 -14.49
CA THR B 254 2.16 5.98 -15.47
C THR B 254 2.18 4.57 -14.93
N ALA B 255 1.92 3.60 -15.81
CA ALA B 255 1.90 2.19 -15.49
C ALA B 255 3.01 1.90 -14.51
N ASP B 256 4.11 2.60 -14.74
CA ASP B 256 5.32 2.51 -13.96
C ASP B 256 4.95 2.54 -12.47
N GLU B 257 4.12 3.51 -12.11
CA GLU B 257 3.68 3.71 -10.73
C GLU B 257 2.80 2.56 -10.23
N VAL B 258 1.93 2.05 -11.09
CA VAL B 258 1.14 0.88 -10.68
C VAL B 258 2.13 -0.27 -10.54
N GLY B 259 3.03 -0.39 -11.51
CA GLY B 259 4.02 -1.46 -11.56
C GLY B 259 4.87 -1.56 -10.31
N ASN B 260 5.29 -0.43 -9.75
CA ASN B 260 6.08 -0.47 -8.52
C ASN B 260 5.25 -0.96 -7.32
N ALA B 261 4.02 -0.47 -7.19
CA ALA B 261 3.19 -0.88 -6.07
C ALA B 261 2.96 -2.38 -6.05
N ALA B 262 2.88 -2.97 -7.23
CA ALA B 262 2.68 -4.41 -7.34
C ALA B 262 3.91 -5.15 -6.79
N ALA B 263 5.08 -4.75 -7.27
CA ALA B 263 6.35 -5.36 -6.86
C ALA B 263 6.46 -5.32 -5.37
N PHE B 264 6.12 -4.18 -4.81
CA PHE B 264 6.18 -4.06 -3.38
C PHE B 264 5.21 -5.04 -2.78
N LEU B 265 3.94 -4.92 -3.18
CA LEU B 265 2.87 -5.75 -2.62
C LEU B 265 3.12 -7.22 -2.73
N VAL B 266 3.87 -7.62 -3.75
CA VAL B 266 4.19 -9.05 -3.89
C VAL B 266 5.51 -9.48 -3.22
N SER B 267 6.25 -8.50 -2.71
CA SER B 267 7.54 -8.77 -2.07
C SER B 267 7.33 -8.97 -0.58
N PRO B 268 8.31 -9.58 0.05
CA PRO B 268 8.25 -9.85 1.48
C PRO B 268 8.00 -8.60 2.29
N LEU B 269 8.42 -7.46 1.75
CA LEU B 269 8.22 -6.20 2.44
C LEU B 269 6.77 -5.99 2.84
N ALA B 270 5.85 -6.44 1.99
CA ALA B 270 4.41 -6.28 2.19
C ALA B 270 3.78 -7.44 2.95
N SER B 271 4.60 -8.20 3.64
CA SER B 271 4.13 -9.38 4.38
C SER B 271 2.96 -9.30 5.38
N ALA B 272 2.58 -8.11 5.81
CA ALA B 272 1.48 -8.04 6.75
C ALA B 272 0.36 -7.35 6.05
N ILE B 273 0.50 -7.25 4.75
CA ILE B 273 -0.55 -6.68 3.91
C ILE B 273 -1.23 -7.78 3.08
N THR B 274 -2.50 -8.06 3.37
CA THR B 274 -3.28 -9.03 2.58
C THR B 274 -4.77 -8.70 2.55
N GLY B 275 -5.44 -9.08 1.46
CA GLY B 275 -6.88 -8.83 1.30
C GLY B 275 -7.19 -7.34 1.07
N ALA B 276 -6.18 -6.58 0.65
CA ALA B 276 -6.33 -5.15 0.44
C ALA B 276 -6.68 -4.70 -0.96
N THR B 277 -7.15 -3.47 -1.03
CA THR B 277 -7.50 -2.83 -2.25
C THR B 277 -6.79 -1.51 -2.16
N ILE B 278 -5.54 -1.48 -2.60
CA ILE B 278 -4.68 -0.28 -2.56
C ILE B 278 -4.90 0.60 -3.80
N TYR B 279 -5.39 1.82 -3.57
CA TYR B 279 -5.62 2.76 -4.67
C TYR B 279 -4.36 3.44 -5.10
N VAL B 280 -3.92 3.14 -6.32
CA VAL B 280 -2.75 3.78 -6.87
C VAL B 280 -3.27 4.65 -8.00
N ASP B 281 -3.93 5.74 -7.61
CA ASP B 281 -4.58 6.67 -8.54
C ASP B 281 -4.29 8.15 -8.26
N ASN B 282 -3.20 8.46 -7.58
CA ASN B 282 -2.91 9.85 -7.29
C ASN B 282 -3.94 10.44 -6.31
N GLY B 283 -4.53 9.54 -5.51
CA GLY B 283 -5.53 9.90 -4.49
C GLY B 283 -6.90 10.42 -4.97
N LEU B 284 -7.22 10.29 -6.25
CA LEU B 284 -8.49 10.77 -6.74
C LEU B 284 -9.70 10.25 -5.96
N ASN B 285 -9.68 8.97 -5.63
CA ASN B 285 -10.81 8.36 -4.96
C ASN B 285 -11.25 9.03 -3.65
N SER B 286 -10.41 9.88 -3.10
CA SER B 286 -10.69 10.50 -1.80
C SER B 286 -11.37 11.84 -1.92
N MET B 287 -11.33 12.38 -3.12
CA MET B 287 -11.94 13.66 -3.42
C MET B 287 -13.45 13.59 -3.24
N GLY B 288 -14.00 14.67 -2.70
CA GLY B 288 -15.42 14.74 -2.41
C GLY B 288 -16.23 15.53 -3.45
N VAL B 289 -15.52 16.22 -4.36
CA VAL B 289 -16.14 16.98 -5.45
C VAL B 289 -15.03 17.19 -6.53
N ALA B 290 -15.45 17.31 -7.79
CA ALA B 290 -14.48 17.57 -8.83
C ALA B 290 -14.17 19.04 -8.68
N LEU B 291 -12.90 19.37 -8.72
CA LEU B 291 -12.49 20.77 -8.61
C LEU B 291 -12.91 21.51 -9.88
N ASP B 292 -12.87 20.82 -11.01
CA ASP B 292 -13.24 21.39 -12.31
C ASP B 292 -14.74 21.61 -12.63
N SER B 293 -15.62 21.41 -11.65
CA SER B 293 -17.05 21.63 -11.85
C SER B 293 -17.27 23.13 -12.06
N PRO B 294 -18.14 23.50 -12.99
CA PRO B 294 -18.39 24.90 -13.29
C PRO B 294 -19.07 25.69 -12.16
N VAL B 295 -19.78 25.01 -11.26
CA VAL B 295 -20.41 25.72 -10.16
C VAL B 295 -19.33 26.49 -9.38
N PHE B 296 -18.09 26.00 -9.47
CA PHE B 296 -16.96 26.58 -8.76
C PHE B 296 -16.10 27.55 -9.59
PA NAD C . 5.50 4.03 21.44
O1A NAD C . 5.28 4.23 22.91
O2A NAD C . 6.72 3.30 20.94
O5B NAD C . 5.42 5.38 20.60
C5B NAD C . 4.73 6.60 21.07
C4B NAD C . 5.62 7.77 20.99
O4B NAD C . 4.80 9.00 21.22
C3B NAD C . 6.78 7.95 22.06
O3B NAD C . 7.94 8.57 21.38
C2B NAD C . 6.21 8.95 23.03
O2B NAD C . 7.07 9.53 23.86
C1B NAD C . 5.62 9.85 21.93
N9A NAD C . 4.79 10.92 22.43
C8A NAD C . 3.76 10.90 23.32
N7A NAD C . 3.19 12.04 23.56
C5A NAD C . 3.86 12.96 22.86
C6A NAD C . 3.74 14.40 22.85
N6A NAD C . 2.83 15.06 23.48
N1A NAD C . 4.64 15.03 22.04
C2A NAD C . 5.60 14.42 21.37
N3A NAD C . 5.80 13.05 21.41
C4A NAD C . 4.87 12.32 22.13
O3 NAD C . 4.26 3.30 20.88
PN NAD C . 3.70 2.86 19.37
O1N NAD C . 2.66 1.88 19.65
O2N NAD C . 4.85 2.58 18.43
O5D NAD C . 3.06 4.27 18.84
C5D NAD C . 3.23 4.74 17.48
C4D NAD C . 2.06 5.44 16.96
O4D NAD C . 1.31 4.34 16.23
C3D NAD C . 0.92 5.99 17.92
O3D NAD C . 0.25 6.98 17.21
C2D NAD C . 0.00 4.78 18.23
O2D NAD C . -1.29 5.15 18.43
C1D NAD C . 0.10 4.07 16.89
N1N NAD C . -0.27 2.59 16.86
C2N NAD C . 0.24 1.62 17.79
C3N NAD C . -0.28 0.35 17.53
C7N NAD C . 0.24 -0.78 18.47
O7N NAD C . -0.24 -1.88 18.28
N7N NAD C . 1.11 -0.49 19.44
C4N NAD C . -1.21 -0.01 16.50
C5N NAD C . -1.61 1.08 15.67
C6N NAD C . -1.15 2.36 15.86
S1 TDB D . -1.82 0.66 20.60
C7 TDB D . -2.94 0.94 19.38
C8 TDB D . -3.75 -0.17 18.81
C12 TDB D . -3.00 2.26 19.09
C13 TDB D . -2.14 3.03 19.87
C14 TDB D . -1.35 2.26 20.71
C2 TDB D . -0.40 2.91 21.56
N2 TDB D . -0.19 4.20 21.60
N1 TDB D . -0.91 5.01 20.77
B1 TDB D . -1.94 4.54 19.87
O1 TDB D . -3.16 5.30 19.68
S15 TDB D . -0.54 6.61 21.07
O15 TDB D . 0.89 6.90 20.96
O16 TDB D . -1.42 7.49 20.28
C15 TDB D . -1.08 6.78 22.66
C16 TDB D . -2.48 6.66 22.82
C17 TDB D . -3.00 6.27 24.33
PA NAD E . -4.05 -4.33 -21.60
O1A NAD E . -4.75 -4.34 -22.95
O2A NAD E . -2.53 -4.21 -21.55
O5B NAD E . -4.44 -5.61 -20.70
C5B NAD E . -5.63 -6.52 -20.94
C4B NAD E . -5.18 -7.92 -21.14
O4B NAD E . -6.30 -8.86 -20.95
C3B NAD E . -4.63 -8.35 -22.58
O3B NAD E . -3.18 -8.68 -22.48
C2B NAD E . -5.43 -9.54 -23.05
O2B NAD E . -4.75 -10.47 -23.75
C1B NAD E . -5.94 -9.99 -21.65
N9A NAD E . -7.09 -10.86 -21.77
C8A NAD E . -8.33 -10.66 -22.37
N7A NAD E . -9.13 -11.74 -22.37
C5A NAD E . -8.42 -12.72 -21.78
C6A NAD E . -8.77 -14.12 -21.54
N6A NAD E . -9.89 -14.70 -21.85
N1A NAD E . -7.75 -14.81 -20.94
C2A NAD E . -6.55 -14.35 -20.62
N3A NAD E . -6.16 -13.04 -20.85
C4A NAD E . -7.13 -12.24 -21.41
O3 NAD E . -4.68 -3.18 -20.72
PN NAD E . -4.64 -2.77 -19.10
O1N NAD E . -5.05 -1.37 -19.02
O2N NAD E . -3.38 -3.24 -18.53
O5D NAD E . -5.77 -3.71 -18.40
C5D NAD E . -5.50 -5.01 -17.79
C4D NAD E . -6.02 -5.06 -16.41
O4D NAD E . -5.92 -3.62 -15.93
C3D NAD E . -7.57 -5.32 -16.14
O3D NAD E . -7.58 -5.80 -14.87
C2D NAD E . -8.20 -3.90 -16.26
O2D NAD E . -9.50 -3.82 -15.76
C1D NAD E . -7.13 -3.18 -15.43
N1N NAD E . -7.19 -1.61 -15.33
C2N NAD E . -6.76 -0.75 -16.36
C3N NAD E . -7.00 0.60 -16.05
C7N NAD E . -6.53 1.58 -17.20
O7N NAD E . -6.73 2.76 -17.00
N7N NAD E . -5.95 1.06 -18.33
C4N NAD E . -7.60 1.14 -14.89
C5N NAD E . -7.98 0.16 -13.94
C6N NAD E . -7.71 -1.18 -14.15
S1 TDB F . -9.44 0.86 -18.58
C7 TDB F . -10.08 0.98 -16.98
C8 TDB F . -10.22 2.30 -16.28
C12 TDB F . -10.39 -0.23 -16.47
C13 TDB F . -10.14 -1.30 -17.37
C14 TDB F . -9.57 -0.82 -18.59
C2 TDB F . -9.27 -1.79 -19.62
N2 TDB F . -9.44 -3.07 -19.48
N1 TDB F . -10.02 -3.54 -18.34
B1 TDB F . -10.41 -2.79 -17.19
O1 TDB F . -11.61 -3.31 -16.52
S15 TDB F . -10.22 -5.14 -18.55
O15 TDB F . -8.93 -5.63 -18.92
O16 TDB F . -10.80 -5.81 -17.33
C15 TDB F . -11.18 -5.30 -19.97
C16 TDB F . -12.49 -4.79 -20.14
C17 TDB F . -12.62 -3.18 -20.39
#